data_4LE7
#
_entry.id   4LE7
#
_cell.length_a   53.410
_cell.length_b   158.400
_cell.length_c   147.670
_cell.angle_alpha   90.00
_cell.angle_beta   90.00
_cell.angle_gamma   90.00
#
_symmetry.space_group_name_H-M   'C 2 2 21'
#
loop_
_entity.id
_entity.type
_entity.pdbx_description
1 polymer 'Pyocin L1'
2 non-polymer 1,2-ETHANEDIOL
3 non-polymer 'CHLORIDE ION'
4 water water
#
_entity_poly.entity_id   1
_entity_poly.type   'polypeptide(L)'
_entity_poly.pdbx_seq_one_letter_code
;MASSLAPRQVIRDGQFITSPNGKYKLVMQADGNLVLYEDGTKPIWNTTPVGPGAKAVMEFNLNLYNKAGQVAWSSNVYTA
YLFEEFKDEAYLNLQDDGDFGIFSDEAKWGSIVLSRPEVGVKNKIIPTGTVMVPGTEYINGNYRLAFQGDGNLVIYQINP
QVVIWATYTMGADRAVVQEDGNFVIYKGTTALWHTHTATGMPAYLKFTNTGKLFLSQPTLLWTLKRGSLSKPPKVIPGQH
GPLDTTPIWSWPHDYPRRRAVVHHHHHH
;
_entity_poly.pdbx_strand_id   A,B
#
loop_
_chem_comp.id
_chem_comp.type
_chem_comp.name
_chem_comp.formula
CL non-polymer 'CHLORIDE ION' 'Cl -1'
EDO non-polymer 1,2-ETHANEDIOL 'C2 H6 O2'
#
# COMPACT_ATOMS: atom_id res chain seq x y z
N ALA A 2 32.01 -6.95 -16.19
CA ALA A 2 31.02 -6.04 -15.60
C ALA A 2 31.12 -4.73 -16.37
N SER A 3 29.97 -4.04 -16.51
CA SER A 3 29.86 -2.78 -17.20
C SER A 3 29.59 -1.63 -16.25
N SER A 4 29.83 -1.86 -14.95
CA SER A 4 29.32 -0.96 -13.97
C SER A 4 30.29 -0.80 -12.81
N LEU A 5 30.06 0.23 -11.97
CA LEU A 5 30.73 0.36 -10.67
C LEU A 5 29.70 0.55 -9.56
N ALA A 6 29.85 -0.23 -8.51
CA ALA A 6 29.10 -0.09 -7.28
C ALA A 6 29.51 1.06 -6.37
N PRO A 7 28.57 1.61 -5.52
CA PRO A 7 28.95 2.59 -4.56
C PRO A 7 30.15 2.13 -3.78
N ARG A 8 31.13 3.02 -3.72
CA ARG A 8 32.37 2.93 -2.98
C ARG A 8 33.40 2.05 -3.66
N GLN A 9 33.08 1.47 -4.80
CA GLN A 9 34.05 0.62 -5.46
C GLN A 9 35.29 1.46 -5.90
N VAL A 10 36.44 0.81 -5.83
CA VAL A 10 37.71 1.40 -6.27
C VAL A 10 38.29 0.53 -7.42
N ILE A 11 38.79 1.21 -8.45
CA ILE A 11 39.54 0.57 -9.52
C ILE A 11 40.89 1.28 -9.68
N ARG A 12 41.94 0.52 -10.00
CA ARG A 12 43.29 1.06 -10.05
C ARG A 12 44.21 0.09 -10.71
N ASP A 13 45.35 0.62 -11.13
CA ASP A 13 46.39 -0.22 -11.68
C ASP A 13 45.99 -1.25 -12.76
N GLY A 14 45.21 -0.79 -13.74
CA GLY A 14 44.86 -1.64 -14.88
C GLY A 14 43.46 -2.23 -14.79
N GLN A 15 42.81 -2.11 -13.63
CA GLN A 15 41.39 -2.56 -13.52
C GLN A 15 40.51 -1.75 -14.45
N PHE A 16 39.48 -2.40 -15.00
CA PHE A 16 38.62 -1.80 -16.01
C PHE A 16 37.18 -2.39 -15.93
N ILE A 17 36.28 -1.65 -16.54
CA ILE A 17 34.95 -2.12 -16.86
C ILE A 17 34.81 -2.08 -18.39
N THR A 18 33.79 -2.80 -18.90
CA THR A 18 33.55 -3.04 -20.31
C THR A 18 32.01 -2.90 -20.62
N SER A 19 31.68 -2.14 -21.66
CA SER A 19 30.30 -2.08 -22.17
C SER A 19 29.75 -3.51 -22.47
N PRO A 20 28.42 -3.69 -22.40
CA PRO A 20 27.85 -4.97 -22.64
C PRO A 20 28.22 -5.55 -24.00
N ASN A 21 28.38 -4.75 -25.03
CA ASN A 21 28.74 -5.35 -26.36
C ASN A 21 30.20 -5.63 -26.55
N GLY A 22 31.01 -5.43 -25.48
CA GLY A 22 32.44 -5.60 -25.59
C GLY A 22 33.24 -4.49 -26.30
N LYS A 23 32.60 -3.50 -26.91
CA LYS A 23 33.32 -2.50 -27.70
C LYS A 23 34.12 -1.42 -26.90
N TYR A 24 33.61 -1.01 -25.75
CA TYR A 24 34.18 0.09 -24.94
C TYR A 24 34.74 -0.44 -23.61
N LYS A 25 35.88 0.15 -23.25
CA LYS A 25 36.57 -0.21 -22.04
C LYS A 25 37.01 1.03 -21.35
N LEU A 26 36.73 1.11 -20.04
CA LEU A 26 37.10 2.25 -19.21
C LEU A 26 38.06 1.72 -18.19
N VAL A 27 39.34 2.16 -18.24
CA VAL A 27 40.43 1.52 -17.53
C VAL A 27 41.18 2.61 -16.76
N MET A 28 41.44 2.31 -15.49
CA MET A 28 42.20 3.16 -14.58
C MET A 28 43.61 2.57 -14.63
N GLN A 29 44.44 3.15 -15.54
CA GLN A 29 45.77 2.65 -15.84
C GLN A 29 46.77 2.84 -14.67
N ALA A 30 47.86 2.05 -14.69
CA ALA A 30 48.96 2.19 -13.68
C ALA A 30 49.68 3.56 -13.67
N ASP A 31 49.69 4.28 -14.83
CA ASP A 31 50.29 5.60 -14.93
C ASP A 31 49.39 6.67 -14.44
N GLY A 32 48.23 6.29 -13.89
CA GLY A 32 47.24 7.25 -13.37
C GLY A 32 46.33 7.94 -14.38
N ASN A 33 46.22 7.40 -15.59
CA ASN A 33 45.27 7.96 -16.58
C ASN A 33 44.05 7.02 -16.53
N LEU A 34 42.87 7.64 -16.46
CA LEU A 34 41.56 7.03 -16.66
C LEU A 34 41.23 7.20 -18.13
N VAL A 35 41.18 6.12 -18.85
CA VAL A 35 41.09 6.19 -20.32
C VAL A 35 39.90 5.35 -20.80
N LEU A 36 39.17 5.90 -21.78
CA LEU A 36 38.08 5.18 -22.45
C LEU A 36 38.60 4.73 -23.78
N TYR A 37 38.64 3.42 -23.98
CA TYR A 37 39.10 2.78 -25.26
C TYR A 37 37.92 2.23 -26.09
N GLU A 38 38.08 2.32 -27.40
CA GLU A 38 37.21 1.71 -28.36
C GLU A 38 37.96 0.61 -29.09
N ASP A 39 37.34 -0.57 -29.15
CA ASP A 39 37.87 -1.79 -29.84
C ASP A 39 39.22 -2.22 -29.30
N GLY A 40 39.47 -1.85 -28.06
CA GLY A 40 40.66 -2.37 -27.36
C GLY A 40 41.94 -1.66 -27.81
N THR A 41 41.87 -0.79 -28.85
CA THR A 41 43.05 -0.16 -29.43
C THR A 41 43.04 1.38 -29.61
N LYS A 42 41.89 2.02 -29.57
CA LYS A 42 41.81 3.41 -29.87
C LYS A 42 41.27 4.20 -28.68
N PRO A 43 42.15 4.95 -28.01
CA PRO A 43 41.68 5.78 -26.94
C PRO A 43 40.77 6.84 -27.49
N ILE A 44 39.57 6.99 -26.94
CA ILE A 44 38.74 8.08 -27.42
C ILE A 44 38.43 9.16 -26.37
N TRP A 45 38.85 8.98 -25.10
CA TRP A 45 38.67 10.06 -24.07
C TRP A 45 39.56 9.66 -22.91
N ASN A 46 40.03 10.65 -22.15
CA ASN A 46 40.89 10.41 -21.04
C ASN A 46 40.86 11.54 -20.06
N THR A 47 41.29 11.25 -18.81
CA THR A 47 41.54 12.28 -17.82
C THR A 47 42.87 12.98 -18.06
N THR A 48 43.78 12.35 -18.77
CA THR A 48 45.23 12.64 -18.74
C THR A 48 45.80 12.09 -17.40
N PRO A 49 47.07 11.61 -17.41
CA PRO A 49 47.61 10.85 -16.30
C PRO A 49 47.91 11.71 -15.07
N VAL A 50 47.68 11.15 -13.88
CA VAL A 50 48.21 11.83 -12.64
C VAL A 50 49.33 11.04 -11.98
N GLY A 51 49.87 10.02 -12.66
CA GLY A 51 51.07 9.35 -12.15
C GLY A 51 50.74 8.09 -11.39
N PRO A 52 51.78 7.34 -11.04
CA PRO A 52 51.66 6.12 -10.22
C PRO A 52 50.99 6.37 -8.91
N GLY A 53 50.45 5.30 -8.38
CA GLY A 53 49.83 5.32 -7.09
C GLY A 53 48.42 5.84 -7.04
N ALA A 54 47.81 6.07 -8.22
CA ALA A 54 46.48 6.72 -8.33
C ALA A 54 45.35 5.67 -8.33
N LYS A 55 44.10 6.12 -8.15
CA LYS A 55 42.94 5.28 -8.21
C LYS A 55 41.65 6.07 -8.57
N ALA A 56 40.62 5.36 -9.03
CA ALA A 56 39.33 5.98 -9.23
C ALA A 56 38.35 5.33 -8.24
N VAL A 57 37.53 6.15 -7.63
CA VAL A 57 36.53 5.65 -6.78
C VAL A 57 35.15 6.23 -7.09
N MET A 58 34.18 5.36 -6.97
CA MET A 58 32.77 5.72 -7.19
C MET A 58 32.18 6.11 -5.83
N GLU A 59 31.85 7.37 -5.69
CA GLU A 59 31.47 7.95 -4.43
C GLU A 59 30.63 9.21 -4.72
N PHE A 60 29.46 8.94 -5.25
CA PHE A 60 28.56 9.90 -5.81
C PHE A 60 29.12 10.36 -7.10
N ASN A 61 30.18 11.16 -7.05
CA ASN A 61 31.01 11.40 -8.20
C ASN A 61 31.94 10.22 -8.43
N LEU A 62 32.35 10.06 -9.67
CA LEU A 62 33.54 9.29 -10.00
C LEU A 62 34.74 10.21 -9.81
N ASN A 63 35.62 9.87 -8.89
CA ASN A 63 36.79 10.75 -8.55
C ASN A 63 38.06 10.07 -8.78
N LEU A 64 38.96 10.73 -9.46
CA LEU A 64 40.34 10.20 -9.62
C LEU A 64 41.24 10.83 -8.54
N TYR A 65 41.91 9.99 -7.77
CA TYR A 65 42.78 10.44 -6.70
C TYR A 65 44.22 10.29 -7.12
N ASN A 66 45.07 11.29 -6.86
CA ASN A 66 46.52 11.02 -7.02
C ASN A 66 47.15 10.24 -5.84
N LYS A 67 48.45 9.98 -5.89
CA LYS A 67 49.15 9.28 -4.81
C LYS A 67 49.09 10.04 -3.46
N ALA A 68 49.06 11.37 -3.52
CA ALA A 68 48.98 12.16 -2.31
C ALA A 68 47.59 12.16 -1.71
N GLY A 69 46.64 11.48 -2.32
CA GLY A 69 45.28 11.45 -1.77
C GLY A 69 44.40 12.65 -2.07
N GLN A 70 44.77 13.44 -3.05
CA GLN A 70 43.94 14.53 -3.54
C GLN A 70 43.12 14.14 -4.76
N VAL A 71 41.94 14.74 -4.88
CA VAL A 71 41.15 14.57 -6.07
C VAL A 71 41.70 15.40 -7.19
N ALA A 72 42.06 14.75 -8.27
CA ALA A 72 42.64 15.41 -9.46
C ALA A 72 41.69 15.55 -10.65
N TRP A 73 40.67 14.69 -10.75
CA TRP A 73 39.61 14.82 -11.72
C TRP A 73 38.32 14.31 -11.08
N SER A 74 37.19 14.95 -11.40
CA SER A 74 35.90 14.51 -10.97
C SER A 74 34.81 14.67 -12.05
N SER A 75 33.82 13.78 -12.01
CA SER A 75 32.66 13.94 -12.81
C SER A 75 32.00 15.28 -12.52
N ASN A 76 32.11 15.76 -11.30
CA ASN A 76 31.48 17.02 -10.95
C ASN A 76 30.00 17.12 -11.28
N VAL A 77 29.23 16.20 -10.72
CA VAL A 77 27.83 16.16 -10.97
C VAL A 77 27.19 17.39 -10.30
N TYR A 78 26.44 18.20 -11.09
CA TYR A 78 25.90 19.41 -10.51
C TYR A 78 24.64 19.07 -9.72
N THR A 79 24.72 19.38 -8.42
CA THR A 79 23.80 18.89 -7.38
C THR A 79 23.53 19.97 -6.30
N ALA A 80 22.24 20.28 -6.09
CA ALA A 80 21.78 21.10 -4.95
C ALA A 80 22.42 20.62 -3.61
N TYR A 81 22.17 19.36 -3.26
CA TYR A 81 22.68 18.75 -2.03
C TYR A 81 23.54 17.52 -2.28
N LEU A 82 24.72 17.48 -1.68
CA LEU A 82 25.54 16.24 -1.67
C LEU A 82 25.76 15.78 -0.23
N PHE A 83 24.81 14.97 0.26
CA PHE A 83 24.94 14.31 1.55
C PHE A 83 25.88 13.10 1.47
N GLU A 84 26.46 12.76 2.61
CA GLU A 84 27.39 11.64 2.70
C GLU A 84 26.75 10.32 2.28
N GLU A 85 25.49 10.09 2.59
CA GLU A 85 24.85 8.80 2.22
C GLU A 85 24.57 8.63 0.69
N PHE A 86 24.51 9.72 -0.07
CA PHE A 86 24.51 9.61 -1.54
C PHE A 86 25.73 8.82 -2.03
N LYS A 87 26.85 9.01 -1.33
CA LYS A 87 28.08 8.29 -1.67
C LYS A 87 27.88 6.80 -1.51
N ASP A 88 26.93 6.37 -0.66
CA ASP A 88 26.66 4.96 -0.43
C ASP A 88 25.63 4.42 -1.39
N GLU A 89 25.04 5.27 -2.21
CA GLU A 89 23.93 4.89 -3.07
C GLU A 89 24.18 4.98 -4.60
N ALA A 90 25.03 5.91 -5.03
CA ALA A 90 25.20 6.22 -6.42
C ALA A 90 26.07 5.18 -7.13
N TYR A 91 25.70 4.86 -8.39
CA TYR A 91 26.42 3.82 -9.18
C TYR A 91 26.58 4.24 -10.63
N LEU A 92 27.47 3.56 -11.35
CA LEU A 92 27.82 3.99 -12.71
C LEU A 92 27.63 2.89 -13.72
N ASN A 93 27.20 3.26 -14.92
CA ASN A 93 27.12 2.33 -16.02
C ASN A 93 27.91 2.88 -17.24
N LEU A 94 28.58 1.97 -17.92
CA LEU A 94 29.23 2.20 -19.21
C LEU A 94 28.39 1.45 -20.27
N GLN A 95 27.79 2.18 -21.17
CA GLN A 95 26.89 1.64 -22.16
C GLN A 95 27.47 1.58 -23.55
N ASP A 96 26.64 1.05 -24.45
CA ASP A 96 27.10 0.47 -25.70
C ASP A 96 27.55 1.46 -26.76
N ASP A 97 27.12 2.72 -26.64
CA ASP A 97 27.62 3.78 -27.52
C ASP A 97 28.84 4.45 -26.85
N GLY A 98 29.34 3.95 -25.70
CA GLY A 98 30.50 4.55 -25.14
C GLY A 98 30.33 5.63 -24.12
N ASP A 99 29.10 5.99 -23.85
CA ASP A 99 28.87 6.97 -22.86
C ASP A 99 28.92 6.28 -21.53
N PHE A 100 29.16 7.02 -20.46
CA PHE A 100 28.97 6.41 -19.16
C PHE A 100 28.27 7.44 -18.27
N GLY A 101 27.45 6.95 -17.37
CA GLY A 101 26.44 7.70 -16.68
C GLY A 101 26.40 7.29 -15.18
N ILE A 102 26.05 8.24 -14.35
CA ILE A 102 25.97 8.03 -12.91
C ILE A 102 24.53 8.19 -12.49
N PHE A 103 24.03 7.20 -11.76
CA PHE A 103 22.69 7.18 -11.23
C PHE A 103 22.69 7.26 -9.70
N SER A 104 21.72 7.89 -9.08
CA SER A 104 21.55 7.81 -7.66
C SER A 104 20.02 7.82 -7.34
N ASP A 105 19.53 6.70 -6.83
CA ASP A 105 18.12 6.39 -6.80
C ASP A 105 17.57 6.32 -5.36
N GLU A 106 16.56 7.13 -5.01
N GLU A 106 16.51 7.08 -5.06
CA GLU A 106 15.93 7.08 -3.66
CA GLU A 106 15.85 6.94 -3.77
C GLU A 106 14.88 5.96 -3.53
C GLU A 106 15.08 5.61 -3.64
N ALA A 107 14.89 5.23 -2.41
CA ALA A 107 13.91 4.25 -2.09
C ALA A 107 12.53 4.85 -2.31
N LYS A 108 11.71 4.26 -3.17
CA LYS A 108 10.29 4.70 -3.37
C LYS A 108 9.30 4.07 -2.44
N TRP A 109 9.64 2.87 -2.01
CA TRP A 109 8.80 2.07 -1.13
C TRP A 109 9.83 1.16 -0.43
N GLY A 110 9.54 0.70 0.79
CA GLY A 110 10.33 -0.33 1.43
C GLY A 110 9.53 -1.17 2.38
N SER A 111 10.03 -2.37 2.63
CA SER A 111 9.41 -3.25 3.62
C SER A 111 9.57 -2.77 5.06
N ILE A 112 10.42 -1.82 5.26
CA ILE A 112 10.55 -1.18 6.60
C ILE A 112 10.92 0.31 6.39
N VAL A 113 10.62 1.16 7.36
CA VAL A 113 11.04 2.58 7.31
C VAL A 113 12.26 2.71 8.19
N LEU A 114 13.36 3.10 7.63
CA LEU A 114 14.63 3.16 8.39
C LEU A 114 14.74 4.45 9.20
N SER A 115 15.26 4.38 10.40
CA SER A 115 15.55 5.62 11.18
C SER A 115 16.87 6.25 10.74
N ARG A 116 17.73 5.53 9.98
CA ARG A 116 18.94 6.10 9.40
C ARG A 116 19.48 5.15 8.32
N PRO A 117 20.33 5.66 7.44
CA PRO A 117 20.90 4.76 6.41
C PRO A 117 21.67 3.58 7.03
N GLU A 118 21.61 2.44 6.39
CA GLU A 118 22.35 1.27 6.88
C GLU A 118 23.76 1.30 6.27
N VAL A 119 24.79 1.29 7.10
CA VAL A 119 26.14 1.43 6.57
C VAL A 119 26.69 0.08 6.14
N GLY A 120 27.32 0.06 4.96
CA GLY A 120 27.96 -1.19 4.47
C GLY A 120 26.96 -2.22 3.96
N VAL A 121 25.72 -1.84 3.75
CA VAL A 121 24.67 -2.75 3.27
C VAL A 121 24.96 -3.06 1.80
N LYS A 122 24.60 -4.26 1.41
CA LYS A 122 24.75 -4.70 0.04
C LYS A 122 23.37 -5.16 -0.47
N ASN A 123 23.00 -4.64 -1.64
CA ASN A 123 21.77 -4.96 -2.32
C ASN A 123 21.87 -6.01 -3.48
N LYS A 124 21.07 -7.08 -3.40
CA LYS A 124 20.82 -7.94 -4.56
C LYS A 124 19.69 -7.29 -5.40
N ILE A 125 20.00 -7.05 -6.68
CA ILE A 125 19.12 -6.26 -7.59
C ILE A 125 18.21 -7.21 -8.32
N ILE A 126 16.92 -6.92 -8.28
CA ILE A 126 15.95 -7.71 -9.04
C ILE A 126 15.42 -6.75 -10.11
N PRO A 127 15.79 -7.01 -11.36
CA PRO A 127 15.65 -6.04 -12.42
C PRO A 127 14.29 -6.00 -13.00
N THR A 128 14.06 -4.90 -13.68
CA THR A 128 12.82 -4.66 -14.46
C THR A 128 12.43 -5.77 -15.38
N GLY A 129 11.14 -6.13 -15.37
CA GLY A 129 10.63 -7.25 -16.14
C GLY A 129 10.69 -8.59 -15.44
N THR A 130 11.26 -8.63 -14.24
CA THR A 130 11.30 -9.88 -13.54
C THR A 130 9.86 -10.31 -13.31
N VAL A 131 9.55 -11.58 -13.56
CA VAL A 131 8.25 -12.13 -13.18
C VAL A 131 8.48 -13.28 -12.22
N MET A 132 8.27 -13.07 -10.94
CA MET A 132 8.41 -14.12 -9.95
C MET A 132 7.24 -15.12 -10.09
N VAL A 133 7.56 -16.36 -9.87
CA VAL A 133 6.66 -17.45 -10.05
C VAL A 133 6.84 -18.33 -8.82
N PRO A 134 5.77 -19.01 -8.34
CA PRO A 134 5.93 -19.76 -7.09
C PRO A 134 7.14 -20.66 -7.15
N GLY A 135 8.00 -20.64 -6.12
CA GLY A 135 9.26 -21.41 -6.15
C GLY A 135 10.46 -20.55 -6.41
N THR A 136 10.26 -19.33 -6.88
CA THR A 136 11.36 -18.40 -7.01
C THR A 136 11.96 -17.95 -5.63
N GLU A 137 13.29 -17.87 -5.56
CA GLU A 137 13.93 -17.36 -4.35
C GLU A 137 15.23 -16.61 -4.64
N TYR A 138 15.57 -15.69 -3.74
CA TYR A 138 16.83 -14.94 -3.77
C TYR A 138 17.49 -15.03 -2.40
N ILE A 139 18.81 -15.14 -2.40
CA ILE A 139 19.63 -15.32 -1.19
C ILE A 139 20.64 -14.18 -1.13
N ASN A 140 20.60 -13.31 -0.11
CA ASN A 140 21.63 -12.31 0.07
C ASN A 140 22.12 -12.41 1.49
N GLY A 141 23.34 -12.89 1.71
CA GLY A 141 23.86 -13.09 3.07
C GLY A 141 23.12 -14.18 3.84
N ASN A 142 22.64 -13.81 5.04
CA ASN A 142 21.82 -14.70 5.89
C ASN A 142 20.27 -14.54 5.74
N TYR A 143 19.83 -14.06 4.57
CA TYR A 143 18.41 -13.79 4.29
C TYR A 143 17.96 -14.26 2.90
N ARG A 144 16.69 -14.58 2.82
CA ARG A 144 16.09 -15.29 1.69
C ARG A 144 14.75 -14.62 1.44
N LEU A 145 14.56 -14.26 0.16
CA LEU A 145 13.31 -13.68 -0.36
C LEU A 145 12.67 -14.75 -1.20
N ALA A 146 11.50 -15.21 -0.82
CA ALA A 146 10.82 -16.30 -1.53
C ALA A 146 9.41 -15.95 -1.96
N PHE A 147 9.11 -16.30 -3.19
CA PHE A 147 7.78 -16.20 -3.65
C PHE A 147 7.37 -17.65 -3.67
N GLN A 148 6.52 -17.99 -2.71
CA GLN A 148 6.28 -19.34 -2.30
C GLN A 148 5.21 -19.99 -3.10
N GLY A 149 5.24 -21.35 -3.07
CA GLY A 149 4.17 -22.17 -3.61
C GLY A 149 2.80 -21.64 -3.30
N ASP A 150 2.58 -21.28 -2.03
CA ASP A 150 1.27 -20.78 -1.63
C ASP A 150 0.94 -19.28 -1.98
N GLY A 151 1.78 -18.60 -2.78
CA GLY A 151 1.56 -17.17 -3.20
C GLY A 151 2.10 -16.10 -2.24
N ASN A 152 2.52 -16.52 -1.07
CA ASN A 152 3.11 -15.57 -0.13
C ASN A 152 4.51 -15.15 -0.59
N LEU A 153 4.78 -13.84 -0.57
CA LEU A 153 6.18 -13.33 -0.71
C LEU A 153 6.77 -13.01 0.65
N VAL A 154 7.83 -13.72 0.98
CA VAL A 154 8.33 -13.80 2.37
C VAL A 154 9.84 -13.52 2.44
N ILE A 155 10.27 -12.75 3.42
CA ILE A 155 11.67 -12.65 3.73
C ILE A 155 11.90 -13.48 5.03
N TYR A 156 12.75 -14.48 4.89
CA TYR A 156 13.27 -15.25 6.03
C TYR A 156 14.71 -14.92 6.37
N GLN A 157 15.02 -14.88 7.66
CA GLN A 157 16.38 -15.13 8.13
C GLN A 157 16.60 -16.64 8.00
N ILE A 158 17.72 -17.02 7.44
CA ILE A 158 17.94 -18.41 7.09
C ILE A 158 18.35 -19.28 8.30
N ASN A 159 19.46 -18.93 8.95
CA ASN A 159 19.99 -19.68 10.08
C ASN A 159 20.02 -18.75 11.25
N PRO A 160 19.14 -18.96 12.26
CA PRO A 160 18.03 -19.91 12.31
C PRO A 160 16.85 -19.34 11.51
N GLN A 161 15.86 -20.18 11.17
CA GLN A 161 14.88 -19.78 10.19
C GLN A 161 13.80 -18.98 10.93
N VAL A 162 13.51 -17.77 10.45
CA VAL A 162 12.62 -16.80 11.13
C VAL A 162 11.95 -15.88 10.09
N VAL A 163 10.63 -15.67 10.21
CA VAL A 163 9.91 -14.76 9.28
C VAL A 163 10.17 -13.33 9.70
N ILE A 164 10.74 -12.55 8.78
CA ILE A 164 11.08 -11.16 9.01
C ILE A 164 9.96 -10.22 8.48
N TRP A 165 9.38 -10.57 7.33
CA TRP A 165 8.34 -9.74 6.66
C TRP A 165 7.57 -10.64 5.66
N ALA A 166 6.31 -10.30 5.37
CA ALA A 166 5.55 -11.08 4.37
C ALA A 166 4.41 -10.26 3.85
N THR A 167 3.98 -10.56 2.64
CA THR A 167 2.86 -9.84 2.03
C THR A 167 1.49 -10.41 2.37
N TYR A 168 1.43 -11.72 2.72
CA TYR A 168 0.21 -12.54 2.86
C TYR A 168 -0.73 -12.46 1.69
N THR A 169 -0.14 -12.57 0.50
CA THR A 169 -0.85 -12.62 -0.74
C THR A 169 -1.26 -14.04 -1.15
N MET A 170 -1.97 -14.75 -0.26
CA MET A 170 -2.33 -16.15 -0.49
C MET A 170 -2.99 -16.36 -1.86
N GLY A 171 -2.50 -17.36 -2.59
CA GLY A 171 -3.10 -17.71 -3.85
C GLY A 171 -2.42 -17.12 -5.06
N ALA A 172 -1.51 -16.18 -4.86
CA ALA A 172 -1.04 -15.40 -5.96
C ALA A 172 -0.27 -16.30 -6.85
N ASP A 173 -0.19 -15.97 -8.14
CA ASP A 173 0.57 -16.78 -9.00
C ASP A 173 1.71 -16.07 -9.75
N ARG A 174 1.84 -14.76 -9.58
CA ARG A 174 3.02 -14.08 -10.15
C ARG A 174 3.26 -12.72 -9.47
N ALA A 175 4.49 -12.24 -9.53
CA ALA A 175 4.82 -10.95 -8.95
C ALA A 175 5.76 -10.30 -9.93
N VAL A 176 5.39 -9.11 -10.36
CA VAL A 176 5.98 -8.55 -11.56
C VAL A 176 6.60 -7.18 -11.22
N VAL A 177 7.89 -7.04 -11.54
CA VAL A 177 8.62 -5.82 -11.35
C VAL A 177 8.40 -5.06 -12.62
N GLN A 178 7.50 -4.07 -12.58
CA GLN A 178 6.99 -3.53 -13.88
C GLN A 178 7.74 -2.36 -14.49
N GLU A 179 7.64 -2.30 -15.80
CA GLU A 179 8.15 -1.18 -16.58
C GLU A 179 7.56 0.16 -16.13
N ASP A 180 6.38 0.17 -15.50
CA ASP A 180 5.73 1.44 -15.14
C ASP A 180 6.20 2.02 -13.80
N GLY A 181 7.03 1.25 -13.11
CA GLY A 181 7.62 1.61 -11.82
C GLY A 181 7.00 0.93 -10.58
N ASN A 182 5.91 0.22 -10.80
CA ASN A 182 5.20 -0.45 -9.73
C ASN A 182 5.63 -1.89 -9.65
N PHE A 183 5.56 -2.46 -8.45
CA PHE A 183 5.82 -3.87 -8.16
C PHE A 183 4.49 -4.44 -7.68
N VAL A 184 3.96 -5.40 -8.41
CA VAL A 184 2.56 -5.88 -8.23
C VAL A 184 2.48 -7.40 -8.17
N ILE A 185 1.72 -7.88 -7.20
CA ILE A 185 1.50 -9.29 -6.96
C ILE A 185 0.06 -9.58 -7.40
N TYR A 186 -0.06 -10.52 -8.34
CA TYR A 186 -1.31 -10.84 -9.09
C TYR A 186 -1.77 -12.27 -8.86
N LYS A 187 -3.07 -12.43 -8.74
CA LYS A 187 -3.67 -13.73 -9.06
C LYS A 187 -4.24 -13.64 -10.47
N GLY A 188 -3.59 -14.27 -11.45
CA GLY A 188 -3.98 -14.07 -12.85
C GLY A 188 -3.71 -12.63 -13.21
N THR A 189 -4.76 -11.90 -13.62
CA THR A 189 -4.68 -10.45 -13.85
C THR A 189 -5.33 -9.65 -12.68
N THR A 190 -5.81 -10.32 -11.64
CA THR A 190 -6.22 -9.58 -10.46
C THR A 190 -5.03 -9.14 -9.53
N ALA A 191 -4.89 -7.82 -9.31
CA ALA A 191 -3.81 -7.26 -8.43
C ALA A 191 -4.16 -7.47 -6.96
N LEU A 192 -3.38 -8.26 -6.23
CA LEU A 192 -3.68 -8.48 -4.79
C LEU A 192 -2.94 -7.48 -3.91
N TRP A 193 -1.80 -6.94 -4.36
CA TRP A 193 -0.93 -6.08 -3.53
C TRP A 193 0.04 -5.34 -4.45
N HIS A 194 0.30 -4.08 -4.15
CA HIS A 194 1.28 -3.35 -4.92
C HIS A 194 1.94 -2.28 -4.07
N THR A 195 3.05 -1.75 -4.56
CA THR A 195 3.85 -0.78 -3.85
C THR A 195 3.38 0.65 -4.05
N HIS A 196 2.44 0.84 -4.93
CA HIS A 196 1.94 2.16 -5.25
C HIS A 196 2.97 3.12 -5.85
N THR A 197 3.81 2.65 -6.78
CA THR A 197 4.90 3.44 -7.27
C THR A 197 4.87 3.59 -8.77
N ALA A 198 3.67 3.63 -9.33
CA ALA A 198 3.56 3.70 -10.78
C ALA A 198 3.85 5.12 -11.18
N THR A 199 4.96 5.37 -11.86
CA THR A 199 5.31 6.71 -12.26
C THR A 199 5.62 6.74 -13.76
N GLY A 200 5.73 5.61 -14.43
CA GLY A 200 6.25 5.55 -15.77
C GLY A 200 7.75 5.43 -15.90
N MET A 201 8.48 5.34 -14.78
CA MET A 201 9.91 5.04 -14.83
C MET A 201 10.10 3.60 -14.33
N PRO A 202 10.91 2.76 -15.04
CA PRO A 202 10.97 1.36 -14.68
C PRO A 202 11.43 1.09 -13.28
N ALA A 203 10.77 0.12 -12.66
CA ALA A 203 11.14 -0.35 -11.32
C ALA A 203 12.24 -1.36 -11.32
N TYR A 204 12.95 -1.40 -10.19
CA TYR A 204 13.76 -2.53 -9.78
C TYR A 204 13.68 -2.65 -8.31
N LEU A 205 14.06 -3.81 -7.79
CA LEU A 205 14.01 -3.97 -6.33
C LEU A 205 15.42 -4.13 -5.76
N LYS A 206 15.59 -3.72 -4.50
CA LYS A 206 16.76 -4.01 -3.73
C LYS A 206 16.48 -4.96 -2.57
N PHE A 207 17.02 -6.17 -2.62
CA PHE A 207 16.94 -7.08 -1.50
C PHE A 207 18.29 -7.10 -0.77
N THR A 208 18.30 -6.68 0.50
CA THR A 208 19.55 -6.41 1.28
C THR A 208 19.96 -7.62 2.04
N ASN A 209 21.23 -7.64 2.35
CA ASN A 209 21.76 -8.58 3.25
C ASN A 209 21.47 -8.22 4.69
N THR A 210 20.53 -7.29 4.92
CA THR A 210 19.95 -7.06 6.25
C THR A 210 18.46 -7.38 6.31
N GLY A 211 17.95 -8.12 5.34
CA GLY A 211 16.59 -8.62 5.45
C GLY A 211 15.55 -7.58 5.10
N LYS A 212 15.88 -6.71 4.19
CA LYS A 212 14.94 -5.70 3.80
C LYS A 212 14.74 -5.67 2.29
N LEU A 213 13.56 -5.18 1.86
CA LEU A 213 13.29 -5.04 0.42
C LEU A 213 12.87 -3.57 0.14
N PHE A 214 13.49 -2.97 -0.88
CA PHE A 214 13.12 -1.65 -1.30
C PHE A 214 12.85 -1.64 -2.79
N LEU A 215 12.04 -0.68 -3.23
CA LEU A 215 11.87 -0.48 -4.70
C LEU A 215 12.49 0.87 -5.00
N SER A 216 13.17 0.97 -6.12
CA SER A 216 13.74 2.21 -6.60
C SER A 216 13.54 2.32 -8.09
N GLN A 217 13.75 3.51 -8.61
CA GLN A 217 13.64 3.75 -10.07
C GLN A 217 14.84 4.55 -10.51
N PRO A 218 15.41 4.24 -11.68
CA PRO A 218 16.63 4.92 -12.08
C PRO A 218 16.52 6.41 -12.21
N THR A 219 17.56 7.07 -11.72
CA THR A 219 17.61 8.52 -11.68
C THR A 219 18.97 8.92 -12.19
N LEU A 220 19.04 9.03 -13.51
CA LEU A 220 20.30 9.38 -14.15
C LEU A 220 20.60 10.87 -13.92
N LEU A 221 21.70 11.22 -13.30
CA LEU A 221 22.00 12.65 -13.00
C LEU A 221 22.94 13.30 -14.01
N TRP A 222 23.73 12.52 -14.70
CA TRP A 222 24.92 13.01 -15.39
C TRP A 222 25.45 11.96 -16.39
N THR A 223 25.99 12.37 -17.53
CA THR A 223 26.79 11.46 -18.34
C THR A 223 27.94 12.22 -18.88
N LEU A 224 28.94 11.46 -19.29
CA LEU A 224 30.12 12.06 -19.85
C LEU A 224 29.73 12.87 -21.09
N LYS A 225 28.93 12.29 -21.97
CA LYS A 225 28.60 12.95 -23.22
C LYS A 225 27.60 14.05 -23.02
N ARG A 226 26.66 13.90 -22.07
CA ARG A 226 25.51 14.79 -21.95
C ARG A 226 25.67 15.83 -20.86
N GLY A 227 26.64 15.67 -19.95
CA GLY A 227 26.70 16.58 -18.79
C GLY A 227 25.65 16.28 -17.74
N SER A 228 25.45 17.25 -16.88
CA SER A 228 24.45 17.18 -15.81
C SER A 228 23.04 17.44 -16.36
N LEU A 229 22.12 16.63 -15.86
CA LEU A 229 20.74 16.61 -16.28
C LEU A 229 19.83 16.95 -15.13
N SER A 230 18.98 17.95 -15.36
CA SER A 230 18.17 18.56 -14.35
C SER A 230 16.99 17.68 -14.05
N LYS A 231 16.43 17.03 -15.08
CA LYS A 231 15.45 16.00 -14.86
C LYS A 231 15.93 14.68 -15.47
N PRO A 232 15.60 13.55 -14.82
CA PRO A 232 16.13 12.29 -15.30
C PRO A 232 15.39 11.80 -16.50
N PRO A 233 16.11 11.43 -17.56
CA PRO A 233 15.37 10.93 -18.73
C PRO A 233 14.93 9.53 -18.48
N LYS A 234 14.01 9.09 -19.32
CA LYS A 234 13.50 7.73 -19.31
C LYS A 234 14.63 6.84 -19.88
N VAL A 235 14.98 5.82 -19.16
CA VAL A 235 15.96 4.83 -19.63
C VAL A 235 15.28 3.45 -19.74
N ILE A 236 15.97 2.46 -20.28
CA ILE A 236 15.39 1.16 -20.36
C ILE A 236 16.35 0.16 -19.77
N PRO A 237 15.83 -1.00 -19.32
CA PRO A 237 16.72 -1.97 -18.69
C PRO A 237 17.79 -2.40 -19.67
N GLY A 238 19.04 -2.50 -19.21
CA GLY A 238 20.17 -2.93 -20.02
C GLY A 238 20.51 -4.39 -19.83
N GLN A 239 21.51 -4.84 -20.58
CA GLN A 239 21.99 -6.25 -20.48
C GLN A 239 22.99 -6.43 -19.34
N HIS A 240 22.60 -7.06 -18.25
CA HIS A 240 23.53 -7.36 -17.19
C HIS A 240 24.31 -8.66 -17.49
N GLY A 241 25.52 -8.78 -16.96
CA GLY A 241 26.25 -10.02 -16.94
C GLY A 241 26.49 -10.50 -15.52
N PRO A 242 27.12 -11.66 -15.38
CA PRO A 242 27.18 -12.27 -14.05
C PRO A 242 27.99 -11.48 -13.02
N LEU A 243 28.89 -10.59 -13.43
CA LEU A 243 29.66 -9.82 -12.44
C LEU A 243 29.03 -8.45 -12.09
N ASP A 244 27.95 -8.08 -12.75
CA ASP A 244 27.32 -6.84 -12.44
C ASP A 244 26.51 -7.02 -11.16
N THR A 245 26.68 -6.15 -10.17
CA THR A 245 25.91 -6.19 -8.95
C THR A 245 24.98 -4.94 -8.80
N THR A 246 25.05 -4.01 -9.74
CA THR A 246 24.19 -2.82 -9.73
C THR A 246 23.06 -2.99 -10.79
N PRO A 247 22.06 -2.13 -10.77
CA PRO A 247 21.12 -2.04 -11.86
C PRO A 247 21.95 -1.73 -13.07
N ILE A 248 21.51 -2.16 -14.26
CA ILE A 248 22.17 -1.79 -15.59
C ILE A 248 21.12 -1.21 -16.50
N TRP A 249 21.41 -0.04 -17.11
CA TRP A 249 20.48 0.70 -17.94
C TRP A 249 21.08 1.13 -19.27
N SER A 250 20.24 1.45 -20.23
CA SER A 250 20.69 2.25 -21.35
C SER A 250 19.81 3.44 -21.64
N TRP A 251 20.41 4.46 -22.21
CA TRP A 251 19.78 5.74 -22.45
C TRP A 251 20.02 6.22 -23.84
N PRO A 252 19.07 6.95 -24.38
CA PRO A 252 19.17 7.49 -25.73
C PRO A 252 20.18 8.60 -25.86
N HIS A 253 20.58 8.90 -27.08
CA HIS A 253 21.59 9.91 -27.29
C HIS A 253 21.15 11.33 -27.08
N ASP A 254 19.85 11.59 -27.11
CA ASP A 254 19.39 12.93 -26.88
C ASP A 254 17.87 12.96 -26.72
N TYR A 255 17.26 14.13 -26.78
CA TYR A 255 15.80 14.21 -26.62
C TYR A 255 15.03 13.99 -27.89
N ALA B 2 -30.65 1.50 20.37
CA ALA B 2 -29.86 1.48 19.11
C ALA B 2 -30.48 2.49 18.20
N SER B 3 -29.65 3.12 17.39
CA SER B 3 -30.15 4.13 16.51
C SER B 3 -30.11 3.66 15.08
N SER B 4 -29.97 2.34 14.87
CA SER B 4 -29.56 1.81 13.56
C SER B 4 -30.28 0.54 13.21
N LEU B 5 -30.35 0.19 11.92
CA LEU B 5 -30.78 -1.13 11.49
C LEU B 5 -29.68 -1.83 10.71
N ALA B 6 -29.43 -3.10 11.05
CA ALA B 6 -28.35 -3.88 10.38
C ALA B 6 -28.98 -4.54 9.19
N PRO B 7 -28.18 -4.89 8.16
CA PRO B 7 -28.71 -5.63 7.03
C PRO B 7 -29.57 -6.83 7.43
N ARG B 8 -30.66 -7.04 6.72
CA ARG B 8 -31.63 -8.11 6.93
C ARG B 8 -32.40 -8.02 8.23
N GLN B 9 -32.06 -7.09 9.12
CA GLN B 9 -32.90 -6.92 10.32
C GLN B 9 -34.36 -6.57 9.99
N VAL B 10 -35.25 -7.18 10.75
CA VAL B 10 -36.69 -6.97 10.66
C VAL B 10 -37.18 -6.35 11.98
N ILE B 11 -38.04 -5.33 11.87
CA ILE B 11 -38.78 -4.80 12.99
C ILE B 11 -40.31 -4.80 12.75
N ARG B 12 -41.04 -4.96 13.86
CA ARG B 12 -42.50 -5.13 13.81
C ARG B 12 -43.14 -5.07 15.16
N ASP B 13 -44.45 -4.95 15.16
CA ASP B 13 -45.29 -4.93 16.37
C ASP B 13 -44.76 -4.04 17.49
N GLY B 14 -44.55 -2.77 17.16
CA GLY B 14 -44.04 -1.80 18.12
C GLY B 14 -42.53 -1.73 18.25
N GLN B 15 -41.75 -2.61 17.63
CA GLN B 15 -40.28 -2.46 17.73
C GLN B 15 -39.83 -1.17 17.05
N PHE B 16 -38.73 -0.60 17.54
CA PHE B 16 -38.30 0.75 17.16
C PHE B 16 -36.78 0.92 17.34
N ILE B 17 -36.26 1.97 16.73
CA ILE B 17 -34.97 2.53 17.04
C ILE B 17 -35.22 4.00 17.41
N THR B 18 -34.19 4.64 18.00
CA THR B 18 -34.23 5.98 18.57
C THR B 18 -32.98 6.70 18.14
N SER B 19 -33.06 8.00 17.82
CA SER B 19 -31.86 8.80 17.54
C SER B 19 -30.99 8.92 18.78
N PRO B 20 -29.65 9.03 18.62
CA PRO B 20 -28.74 9.12 19.75
C PRO B 20 -29.16 10.06 20.85
N ASN B 21 -29.77 11.20 20.52
CA ASN B 21 -30.12 12.19 21.54
C ASN B 21 -31.45 11.91 22.17
N GLY B 22 -32.08 10.82 21.78
CA GLY B 22 -33.33 10.41 22.42
C GLY B 22 -34.62 11.05 21.87
N LYS B 23 -34.49 12.06 21.02
CA LYS B 23 -35.63 12.87 20.59
C LYS B 23 -36.46 12.27 19.45
N TYR B 24 -35.85 11.48 18.57
CA TYR B 24 -36.60 10.86 17.47
C TYR B 24 -36.73 9.36 17.60
N LYS B 25 -37.85 8.85 17.10
CA LYS B 25 -38.20 7.44 17.25
C LYS B 25 -38.87 6.96 15.95
N LEU B 26 -38.33 5.91 15.37
CA LEU B 26 -38.92 5.26 14.19
C LEU B 26 -39.44 3.91 14.64
N VAL B 27 -40.76 3.70 14.55
CA VAL B 27 -41.39 2.50 15.11
C VAL B 27 -42.24 1.84 14.02
N MET B 28 -42.11 0.51 13.88
CA MET B 28 -43.02 -0.28 13.08
C MET B 28 -44.14 -0.85 13.97
N GLN B 29 -45.28 -0.20 13.95
CA GLN B 29 -46.40 -0.45 14.86
C GLN B 29 -47.21 -1.70 14.54
N ALA B 30 -47.93 -2.20 15.56
CA ALA B 30 -48.74 -3.41 15.41
C ALA B 30 -49.82 -3.20 14.35
N ASP B 31 -50.25 -1.95 14.15
CA ASP B 31 -51.29 -1.67 13.18
C ASP B 31 -50.76 -1.49 11.74
N GLY B 32 -49.47 -1.79 11.53
CA GLY B 32 -48.91 -1.72 10.18
C GLY B 32 -48.53 -0.32 9.71
N ASN B 33 -48.51 0.64 10.62
CA ASN B 33 -48.02 1.94 10.26
C ASN B 33 -46.57 2.07 10.68
N LEU B 34 -45.72 2.47 9.74
CA LEU B 34 -44.31 2.74 10.09
C LEU B 34 -44.23 4.23 10.27
N VAL B 35 -43.90 4.67 11.50
CA VAL B 35 -43.96 6.13 11.85
C VAL B 35 -42.73 6.69 12.61
N LEU B 36 -42.36 7.90 12.21
CA LEU B 36 -41.28 8.68 12.82
C LEU B 36 -41.93 9.68 13.75
N TYR B 37 -41.66 9.52 15.05
CA TYR B 37 -42.23 10.38 16.13
C TYR B 37 -41.13 11.23 16.71
N GLU B 38 -41.54 12.42 17.14
CA GLU B 38 -40.68 13.34 17.83
C GLU B 38 -41.22 13.50 19.23
N ASP B 39 -40.32 13.45 20.21
CA ASP B 39 -40.67 13.55 21.64
C ASP B 39 -41.78 12.59 22.00
N GLY B 40 -41.72 11.39 21.47
CA GLY B 40 -42.66 10.39 21.90
C GLY B 40 -44.01 10.51 21.26
N THR B 41 -44.55 11.70 21.14
CA THR B 41 -45.92 11.76 20.72
C THR B 41 -46.23 12.45 19.36
N LYS B 42 -45.35 13.29 18.84
CA LYS B 42 -45.68 14.08 17.65
C LYS B 42 -45.24 13.34 16.36
N PRO B 43 -46.21 12.87 15.53
CA PRO B 43 -45.95 12.30 14.20
C PRO B 43 -45.27 13.29 13.27
N ILE B 44 -44.06 12.92 12.85
CA ILE B 44 -43.32 13.69 11.86
C ILE B 44 -43.55 13.14 10.42
N TRP B 45 -43.48 11.82 10.28
CA TRP B 45 -43.72 11.18 9.01
C TRP B 45 -44.31 9.82 9.22
N ASN B 46 -45.25 9.43 8.39
CA ASN B 46 -45.64 8.00 8.40
C ASN B 46 -46.04 7.47 7.07
N THR B 47 -45.96 6.13 6.95
CA THR B 47 -46.32 5.45 5.75
C THR B 47 -47.87 5.45 5.56
N THR B 48 -48.61 5.49 6.68
CA THR B 48 -50.06 5.16 6.79
C THR B 48 -50.14 3.64 7.00
N PRO B 49 -51.14 3.16 7.75
CA PRO B 49 -51.17 1.77 8.15
C PRO B 49 -51.50 0.77 7.03
N VAL B 50 -50.82 -0.39 7.01
CA VAL B 50 -51.20 -1.51 6.10
C VAL B 50 -51.86 -2.68 6.85
N GLY B 51 -52.05 -2.54 8.17
CA GLY B 51 -52.76 -3.54 8.96
C GLY B 51 -51.87 -4.59 9.64
N PRO B 52 -52.47 -5.39 10.53
CA PRO B 52 -51.76 -6.40 11.34
C PRO B 52 -50.91 -7.35 10.53
N GLY B 53 -49.99 -8.02 11.22
CA GLY B 53 -49.06 -8.91 10.56
C GLY B 53 -48.19 -8.26 9.52
N ALA B 54 -48.09 -6.93 9.51
CA ALA B 54 -47.15 -6.25 8.62
C ALA B 54 -45.74 -6.19 9.25
N LYS B 55 -44.69 -5.82 8.49
CA LYS B 55 -43.35 -5.70 9.10
C LYS B 55 -42.41 -4.87 8.25
N ALA B 56 -41.32 -4.39 8.82
CA ALA B 56 -40.33 -3.65 8.03
C ALA B 56 -38.97 -4.35 8.03
N VAL B 57 -38.39 -4.51 6.85
CA VAL B 57 -37.08 -5.16 6.78
C VAL B 57 -36.06 -4.28 6.05
N MET B 58 -34.83 -4.30 6.57
CA MET B 58 -33.73 -3.61 5.98
C MET B 58 -33.09 -4.56 5.00
N GLU B 59 -33.23 -4.26 3.72
CA GLU B 59 -32.78 -5.20 2.72
C GLU B 59 -32.45 -4.38 1.48
N PHE B 60 -31.33 -3.68 1.56
CA PHE B 60 -30.94 -2.65 0.59
C PHE B 60 -31.84 -1.44 0.71
N ASN B 61 -33.08 -1.56 0.23
CA ASN B 61 -34.13 -0.63 0.56
C ASN B 61 -34.67 -1.00 1.94
N LEU B 62 -35.30 -0.02 2.59
CA LEU B 62 -36.14 -0.32 3.72
C LEU B 62 -37.56 -0.56 3.20
N ASN B 63 -38.08 -1.77 3.42
CA ASN B 63 -39.37 -2.19 2.90
C ASN B 63 -40.41 -2.53 3.94
N LEU B 64 -41.57 -1.88 3.78
CA LEU B 64 -42.76 -2.24 4.52
C LEU B 64 -43.54 -3.39 3.77
N TYR B 65 -43.64 -4.56 4.43
CA TYR B 65 -44.47 -5.70 3.97
C TYR B 65 -45.86 -5.82 4.63
N ASN B 66 -46.88 -5.95 3.76
CA ASN B 66 -48.21 -6.56 4.05
C ASN B 66 -48.19 -7.88 4.76
N LYS B 67 -49.25 -8.17 5.51
CA LYS B 67 -49.48 -9.54 5.97
C LYS B 67 -49.42 -10.53 4.81
N ALA B 68 -49.93 -10.14 3.64
CA ALA B 68 -49.89 -11.01 2.45
C ALA B 68 -48.52 -11.22 1.82
N GLY B 69 -47.50 -10.52 2.30
CA GLY B 69 -46.15 -10.67 1.79
C GLY B 69 -45.79 -9.69 0.69
N GLN B 70 -46.66 -8.73 0.41
CA GLN B 70 -46.38 -7.70 -0.57
C GLN B 70 -45.73 -6.42 0.00
N VAL B 71 -44.85 -5.82 -0.82
CA VAL B 71 -44.21 -4.55 -0.51
C VAL B 71 -45.19 -3.39 -0.66
N ALA B 72 -45.59 -2.82 0.47
CA ALA B 72 -46.59 -1.74 0.49
C ALA B 72 -45.95 -0.35 0.52
N TRP B 73 -44.74 -0.25 1.05
CA TRP B 73 -43.99 0.97 0.95
C TRP B 73 -42.52 0.61 0.85
N SER B 74 -41.75 1.40 0.13
CA SER B 74 -40.32 1.19 0.04
C SER B 74 -39.63 2.55 -0.07
N SER B 75 -38.41 2.64 0.42
CA SER B 75 -37.53 3.78 0.16
C SER B 75 -37.24 4.02 -1.33
N ASN B 76 -37.39 2.98 -2.14
N ASN B 76 -37.38 2.98 -2.15
CA ASN B 76 -37.13 3.05 -3.56
CA ASN B 76 -37.16 3.08 -3.58
C ASN B 76 -35.81 3.71 -3.91
C ASN B 76 -35.81 3.71 -3.94
N VAL B 77 -34.71 3.20 -3.37
CA VAL B 77 -33.40 3.80 -3.59
C VAL B 77 -32.98 3.61 -5.03
N TYR B 78 -32.66 4.69 -5.73
CA TYR B 78 -32.37 4.56 -7.15
C TYR B 78 -31.01 3.92 -7.34
N THR B 79 -30.98 2.85 -8.13
CA THR B 79 -29.72 2.25 -8.59
C THR B 79 -29.88 1.58 -9.94
N ALA B 80 -28.80 1.65 -10.72
CA ALA B 80 -28.60 0.76 -11.84
C ALA B 80 -28.57 -0.66 -11.31
N TYR B 81 -27.70 -0.85 -10.33
CA TYR B 81 -27.33 -2.15 -9.81
C TYR B 81 -28.44 -2.65 -8.85
N LEU B 82 -28.79 -3.92 -9.01
CA LEU B 82 -30.06 -4.47 -8.54
C LEU B 82 -29.84 -5.70 -7.61
N PHE B 83 -28.61 -5.90 -7.13
CA PHE B 83 -28.08 -7.24 -6.82
C PHE B 83 -28.13 -7.68 -5.38
N GLU B 84 -28.41 -8.98 -5.23
CA GLU B 84 -28.92 -9.52 -3.99
C GLU B 84 -27.97 -9.37 -2.83
N GLU B 85 -26.67 -9.43 -3.06
CA GLU B 85 -25.72 -9.22 -1.96
C GLU B 85 -25.77 -7.79 -1.36
N PHE B 86 -26.27 -6.81 -2.12
CA PHE B 86 -26.47 -5.48 -1.55
C PHE B 86 -27.38 -5.56 -0.37
N LYS B 87 -28.38 -6.43 -0.43
CA LYS B 87 -29.20 -6.67 0.75
C LYS B 87 -28.42 -7.10 1.98
N ASP B 88 -27.28 -7.79 1.81
CA ASP B 88 -26.50 -8.21 2.96
C ASP B 88 -25.59 -7.12 3.46
N GLU B 89 -25.49 -6.00 2.75
CA GLU B 89 -24.46 -4.99 3.10
C GLU B 89 -25.01 -3.63 3.62
N ALA B 90 -26.24 -3.28 3.22
CA ALA B 90 -26.77 -1.94 3.51
C ALA B 90 -27.36 -1.85 4.90
N TYR B 91 -27.33 -0.63 5.45
CA TYR B 91 -27.75 -0.38 6.82
C TYR B 91 -28.28 1.03 6.91
N LEU B 92 -28.94 1.28 8.00
CA LEU B 92 -29.69 2.53 8.20
C LEU B 92 -29.38 3.17 9.53
N ASN B 93 -29.27 4.50 9.53
CA ASN B 93 -29.09 5.19 10.76
C ASN B 93 -30.22 6.22 10.90
N LEU B 94 -30.71 6.36 12.11
CA LEU B 94 -31.68 7.44 12.42
C LEU B 94 -30.93 8.59 13.13
N GLN B 95 -30.91 9.78 12.56
CA GLN B 95 -30.07 10.81 13.19
C GLN B 95 -30.80 11.92 13.97
N ASP B 96 -30.01 12.73 14.69
CA ASP B 96 -30.53 13.60 15.71
C ASP B 96 -31.52 14.68 15.27
N ASP B 97 -31.54 15.03 14.00
CA ASP B 97 -32.52 15.96 13.44
C ASP B 97 -33.71 15.21 12.88
N GLY B 98 -33.84 13.94 13.19
CA GLY B 98 -35.00 13.18 12.72
C GLY B 98 -34.85 12.46 11.39
N ASP B 99 -34.01 12.94 10.50
CA ASP B 99 -33.85 12.31 9.19
C ASP B 99 -33.31 10.91 9.36
N PHE B 100 -33.58 10.02 8.43
CA PHE B 100 -32.89 8.73 8.53
C PHE B 100 -32.40 8.34 7.16
N GLY B 101 -31.28 7.62 7.11
CA GLY B 101 -30.65 7.36 5.84
C GLY B 101 -30.02 5.98 5.70
N ILE B 102 -29.83 5.60 4.44
CA ILE B 102 -29.41 4.28 4.10
C ILE B 102 -28.05 4.36 3.47
N PHE B 103 -27.14 3.53 3.97
CA PHE B 103 -25.78 3.46 3.48
C PHE B 103 -25.52 2.07 2.90
N SER B 104 -24.86 2.01 1.74
CA SER B 104 -24.17 0.76 1.31
C SER B 104 -22.74 1.08 0.90
N ASP B 105 -21.77 0.50 1.60
CA ASP B 105 -20.37 0.98 1.53
C ASP B 105 -19.43 0.00 0.82
N GLU B 106 -18.54 0.54 0.01
CA GLU B 106 -17.52 -0.29 -0.69
C GLU B 106 -16.22 -0.42 0.11
N ALA B 107 -15.73 -1.65 0.31
CA ALA B 107 -14.40 -1.93 0.86
C ALA B 107 -13.36 -1.26 0.00
N LYS B 108 -12.57 -0.34 0.59
CA LYS B 108 -11.45 0.31 -0.07
C LYS B 108 -10.12 -0.39 0.05
N TRP B 109 -10.01 -1.26 1.06
CA TRP B 109 -8.78 -2.03 1.29
C TRP B 109 -9.15 -3.29 2.06
N GLY B 110 -8.41 -4.31 1.87
CA GLY B 110 -8.58 -5.49 2.71
C GLY B 110 -7.30 -6.22 2.97
N SER B 111 -7.26 -6.99 4.06
CA SER B 111 -6.18 -7.93 4.27
C SER B 111 -6.12 -9.11 3.23
N ILE B 112 -7.22 -9.30 2.52
CA ILE B 112 -7.29 -10.32 1.49
C ILE B 112 -8.27 -9.81 0.44
N VAL B 113 -8.11 -10.22 -0.83
CA VAL B 113 -9.10 -10.02 -1.89
C VAL B 113 -10.02 -11.28 -2.05
N LEU B 114 -11.32 -11.16 -1.79
CA LEU B 114 -12.27 -12.27 -1.93
C LEU B 114 -12.71 -12.48 -3.40
N SER B 115 -12.91 -13.75 -3.76
CA SER B 115 -13.50 -14.14 -5.07
C SER B 115 -15.03 -14.03 -5.10
N ARG B 116 -15.64 -14.00 -3.92
CA ARG B 116 -17.10 -13.95 -3.79
C ARG B 116 -17.38 -13.60 -2.32
N PRO B 117 -18.59 -13.12 -2.01
CA PRO B 117 -18.88 -12.82 -0.61
C PRO B 117 -18.82 -14.02 0.31
N GLU B 118 -18.51 -13.77 1.58
CA GLU B 118 -18.57 -14.80 2.61
C GLU B 118 -19.98 -14.94 3.25
N VAL B 119 -20.61 -16.08 3.04
CA VAL B 119 -21.97 -16.29 3.55
C VAL B 119 -21.93 -16.52 5.04
N GLY B 120 -22.80 -15.80 5.75
CA GLY B 120 -22.90 -15.90 7.22
C GLY B 120 -21.90 -15.13 8.11
N VAL B 121 -20.95 -14.45 7.49
CA VAL B 121 -19.88 -13.81 8.21
C VAL B 121 -20.41 -12.79 9.20
N LYS B 122 -19.79 -12.71 10.37
CA LYS B 122 -20.03 -11.68 11.36
C LYS B 122 -18.89 -10.67 11.44
N ASN B 123 -19.24 -9.41 11.32
CA ASN B 123 -18.30 -8.30 11.28
C ASN B 123 -18.26 -7.59 12.63
N LYS B 124 -17.06 -7.33 13.16
CA LYS B 124 -16.88 -6.44 14.29
C LYS B 124 -16.43 -5.11 13.71
N ILE B 125 -17.15 -4.08 14.07
CA ILE B 125 -16.93 -2.73 13.54
C ILE B 125 -15.98 -1.96 14.48
N ILE B 126 -14.92 -1.43 13.91
CA ILE B 126 -14.00 -0.58 14.65
C ILE B 126 -14.13 0.84 14.06
N PRO B 127 -14.77 1.77 14.81
CA PRO B 127 -15.22 3.10 14.37
C PRO B 127 -14.17 4.17 14.14
N THR B 128 -14.47 5.05 13.21
CA THR B 128 -13.64 6.23 12.96
C THR B 128 -13.15 6.82 14.28
N GLY B 129 -11.89 7.25 14.33
CA GLY B 129 -11.35 7.83 15.56
C GLY B 129 -10.71 6.86 16.53
N THR B 130 -10.90 5.56 16.32
CA THR B 130 -10.24 4.59 17.18
C THR B 130 -8.72 4.73 17.10
N VAL B 131 -8.09 4.70 18.26
CA VAL B 131 -6.64 4.77 18.38
C VAL B 131 -6.27 3.50 19.11
N MET B 132 -5.67 2.55 18.41
CA MET B 132 -5.25 1.36 19.05
C MET B 132 -3.91 1.68 19.68
N VAL B 133 -3.63 0.97 20.73
CA VAL B 133 -2.47 1.17 21.49
C VAL B 133 -1.92 -0.23 21.82
N PRO B 134 -0.64 -0.30 22.14
CA PRO B 134 -0.10 -1.65 22.32
C PRO B 134 -0.82 -2.37 23.43
N GLY B 135 -1.26 -3.59 23.20
CA GLY B 135 -2.06 -4.30 24.15
C GLY B 135 -3.47 -4.32 23.73
N THR B 136 -3.86 -3.51 22.74
CA THR B 136 -5.25 -3.55 22.26
C THR B 136 -5.50 -4.88 21.52
N GLU B 137 -6.69 -5.44 21.71
CA GLU B 137 -7.02 -6.73 21.11
C GLU B 137 -8.52 -6.85 20.86
N TYR B 138 -8.89 -7.48 19.75
CA TYR B 138 -10.30 -7.82 19.46
C TYR B 138 -10.43 -9.27 19.16
N ILE B 139 -11.49 -9.87 19.68
CA ILE B 139 -11.73 -11.28 19.52
C ILE B 139 -13.01 -11.42 18.73
N ASN B 140 -13.02 -12.19 17.64
CA ASN B 140 -14.25 -12.47 16.91
C ASN B 140 -14.24 -13.96 16.48
N GLY B 141 -15.00 -14.76 17.17
CA GLY B 141 -14.99 -16.20 16.94
C GLY B 141 -13.62 -16.77 17.21
N ASN B 142 -13.11 -17.62 16.29
CA ASN B 142 -11.79 -18.21 16.37
C ASN B 142 -10.62 -17.34 15.83
N TYR B 143 -10.77 -16.02 15.81
CA TYR B 143 -9.76 -15.12 15.34
C TYR B 143 -9.58 -13.91 16.27
N ARG B 144 -8.38 -13.33 16.27
N ARG B 144 -8.37 -13.36 16.32
CA ARG B 144 -8.08 -12.18 17.10
CA ARG B 144 -8.11 -12.13 17.06
C ARG B 144 -7.21 -11.19 16.38
C ARG B 144 -7.22 -11.17 16.38
N LEU B 145 -7.54 -9.91 16.56
CA LEU B 145 -6.77 -8.80 15.96
C LEU B 145 -6.04 -8.13 17.14
N ALA B 146 -4.72 -8.20 17.12
CA ALA B 146 -3.87 -7.68 18.24
C ALA B 146 -2.90 -6.62 17.79
N PHE B 147 -2.90 -5.49 18.48
CA PHE B 147 -1.84 -4.50 18.30
C PHE B 147 -0.92 -4.71 19.46
N GLN B 148 0.23 -5.31 19.17
CA GLN B 148 1.07 -5.85 20.23
C GLN B 148 2.05 -4.87 20.85
N GLY B 149 2.55 -5.23 22.03
CA GLY B 149 3.63 -4.49 22.74
C GLY B 149 4.79 -4.15 21.82
N ASP B 150 5.16 -5.07 20.91
CA ASP B 150 6.22 -4.78 19.96
C ASP B 150 5.88 -3.89 18.75
N GLY B 151 4.64 -3.42 18.68
CA GLY B 151 4.20 -2.62 17.56
C GLY B 151 3.62 -3.37 16.37
N ASN B 152 3.76 -4.70 16.34
CA ASN B 152 3.22 -5.45 15.21
C ASN B 152 1.72 -5.56 15.29
N LEU B 153 1.02 -5.33 14.17
CA LEU B 153 -0.43 -5.52 14.13
C LEU B 153 -0.75 -6.85 13.42
N VAL B 154 -1.45 -7.74 14.13
CA VAL B 154 -1.50 -9.15 13.71
C VAL B 154 -2.87 -9.74 13.80
N ILE B 155 -3.27 -10.50 12.78
CA ILE B 155 -4.47 -11.33 12.92
C ILE B 155 -4.03 -12.73 13.21
N TYR B 156 -4.43 -13.28 14.37
CA TYR B 156 -4.19 -14.71 14.69
C TYR B 156 -5.46 -15.50 14.57
N GLN B 157 -5.33 -16.70 14.05
CA GLN B 157 -6.26 -17.78 14.34
C GLN B 157 -5.98 -18.19 15.76
N ILE B 158 -7.02 -18.48 16.53
CA ILE B 158 -6.83 -18.88 17.94
C ILE B 158 -6.57 -20.39 18.13
N ASN B 159 -7.46 -21.25 17.62
CA ASN B 159 -7.28 -22.72 17.78
C ASN B 159 -7.19 -23.43 16.49
N PRO B 160 -6.00 -23.91 16.13
CA PRO B 160 -4.69 -23.70 16.67
C PRO B 160 -4.18 -22.31 16.32
N GLN B 161 -3.10 -21.91 17.00
CA GLN B 161 -2.62 -20.52 16.93
C GLN B 161 -1.72 -20.34 15.67
N VAL B 162 -2.23 -19.57 14.70
CA VAL B 162 -1.63 -19.37 13.40
C VAL B 162 -1.68 -17.89 13.02
N VAL B 163 -0.57 -17.34 12.55
CA VAL B 163 -0.56 -16.01 12.05
C VAL B 163 -1.24 -16.01 10.69
N ILE B 164 -2.28 -15.18 10.56
CA ILE B 164 -3.05 -15.16 9.34
C ILE B 164 -2.56 -13.98 8.49
N TRP B 165 -2.27 -12.86 9.16
CA TRP B 165 -1.86 -11.64 8.51
C TRP B 165 -1.15 -10.77 9.53
N ALA B 166 -0.20 -9.92 9.06
CA ALA B 166 0.47 -8.96 9.93
C ALA B 166 1.10 -7.77 9.19
N THR B 167 1.39 -6.71 9.92
CA THR B 167 1.98 -5.47 9.32
C THR B 167 3.53 -5.36 9.37
N TYR B 168 4.15 -6.10 10.32
CA TYR B 168 5.59 -5.96 10.67
C TYR B 168 5.99 -4.53 10.90
N THR B 169 5.14 -3.83 11.65
CA THR B 169 5.42 -2.45 12.03
C THR B 169 6.09 -2.31 13.39
N MET B 170 7.17 -3.07 13.57
CA MET B 170 7.96 -3.13 14.82
C MET B 170 8.34 -1.75 15.32
N GLY B 171 8.10 -1.50 16.59
CA GLY B 171 8.39 -0.21 17.20
C GLY B 171 7.24 0.76 17.17
N ALA B 172 6.15 0.43 16.49
CA ALA B 172 4.99 1.36 16.43
C ALA B 172 4.34 1.53 17.80
N ASP B 173 3.70 2.66 18.01
CA ASP B 173 3.05 2.94 19.31
C ASP B 173 1.56 3.26 19.18
N ARG B 174 1.07 3.53 17.98
CA ARG B 174 -0.37 3.61 17.84
C ARG B 174 -0.84 3.31 16.40
N ALA B 175 -2.05 2.78 16.31
CA ALA B 175 -2.69 2.60 15.00
C ALA B 175 -3.99 3.42 15.02
N VAL B 176 -4.17 4.32 14.07
CA VAL B 176 -5.33 5.22 14.08
C VAL B 176 -6.26 5.05 12.89
N VAL B 177 -7.56 4.85 13.17
CA VAL B 177 -8.55 4.83 12.12
C VAL B 177 -9.03 6.24 11.90
N GLN B 178 -8.64 6.84 10.79
CA GLN B 178 -8.72 8.29 10.60
C GLN B 178 -9.93 8.85 9.82
N GLU B 179 -10.20 10.12 10.13
CA GLU B 179 -11.29 10.87 9.51
C GLU B 179 -11.06 11.22 8.07
N ASP B 180 -9.80 11.21 7.66
CA ASP B 180 -9.49 11.38 6.24
C ASP B 180 -9.68 10.08 5.38
N GLY B 181 -10.07 8.98 5.98
CA GLY B 181 -10.32 7.71 5.24
C GLY B 181 -9.18 6.69 5.34
N ASN B 182 -8.03 7.16 5.83
CA ASN B 182 -6.85 6.32 5.91
C ASN B 182 -6.75 5.61 7.26
N PHE B 183 -6.13 4.44 7.24
CA PHE B 183 -5.76 3.67 8.42
C PHE B 183 -4.24 3.67 8.50
N VAL B 184 -3.68 4.22 9.59
CA VAL B 184 -2.25 4.54 9.69
C VAL B 184 -1.63 4.05 11.00
N ILE B 185 -0.52 3.35 10.87
CA ILE B 185 0.26 2.90 11.99
C ILE B 185 1.48 3.79 12.16
N TYR B 186 1.60 4.37 13.36
CA TYR B 186 2.65 5.35 13.65
C TYR B 186 3.63 4.97 14.76
N LYS B 187 4.86 5.46 14.65
CA LYS B 187 5.81 5.57 15.77
C LYS B 187 6.10 7.03 16.00
N GLY B 188 5.66 7.56 17.13
CA GLY B 188 5.59 9.01 17.31
C GLY B 188 4.71 9.65 16.23
N THR B 189 5.28 10.59 15.54
CA THR B 189 4.63 11.18 14.41
C THR B 189 5.18 10.51 13.12
N THR B 190 5.93 9.43 13.19
CA THR B 190 6.37 8.82 11.91
C THR B 190 5.39 7.71 11.48
N ALA B 191 4.82 7.80 10.27
CA ALA B 191 3.95 6.76 9.72
C ALA B 191 4.80 5.57 9.21
N LEU B 192 4.58 4.42 9.80
CA LEU B 192 5.32 3.21 9.37
C LEU B 192 4.58 2.43 8.27
N TRP B 193 3.26 2.55 8.25
CA TRP B 193 2.36 1.77 7.39
C TRP B 193 0.97 2.45 7.27
N HIS B 194 0.36 2.38 6.09
CA HIS B 194 -1.00 2.86 5.89
C HIS B 194 -1.71 2.17 4.71
N THR B 195 -3.01 2.25 4.68
CA THR B 195 -3.85 1.52 3.71
C THR B 195 -4.06 2.26 2.37
N HIS B 196 -3.55 3.49 2.28
CA HIS B 196 -3.57 4.31 1.08
C HIS B 196 -4.96 4.71 0.65
N THR B 197 -5.77 5.14 1.60
CA THR B 197 -7.18 5.30 1.37
C THR B 197 -7.65 6.66 1.87
N ALA B 198 -6.72 7.60 1.92
CA ALA B 198 -7.06 9.00 2.21
C ALA B 198 -7.89 9.52 1.06
N THR B 199 -9.18 9.69 1.30
CA THR B 199 -10.07 10.30 0.33
C THR B 199 -10.73 11.54 0.89
N GLY B 200 -10.66 11.75 2.20
CA GLY B 200 -11.50 12.75 2.87
C GLY B 200 -12.86 12.27 3.35
N MET B 201 -13.15 10.98 3.20
CA MET B 201 -14.35 10.39 3.78
C MET B 201 -13.97 9.45 4.94
N PRO B 202 -14.65 9.53 6.11
CA PRO B 202 -14.06 8.82 7.24
C PRO B 202 -14.00 7.33 7.01
N ALA B 203 -12.95 6.70 7.56
CA ALA B 203 -12.75 5.26 7.58
C ALA B 203 -13.42 4.60 8.75
N TYR B 204 -13.87 3.38 8.54
CA TYR B 204 -14.01 2.38 9.61
C TYR B 204 -13.47 1.03 9.17
N LEU B 205 -13.39 0.13 10.13
CA LEU B 205 -12.76 -1.19 9.87
C LEU B 205 -13.75 -2.30 10.20
N LYS B 206 -13.69 -3.40 9.45
CA LYS B 206 -14.41 -4.61 9.75
C LYS B 206 -13.46 -5.79 9.97
N PHE B 207 -13.57 -6.40 11.15
CA PHE B 207 -12.76 -7.52 11.54
C PHE B 207 -13.68 -8.68 11.68
N THR B 208 -13.46 -9.71 10.84
CA THR B 208 -14.43 -10.78 10.69
C THR B 208 -14.10 -12.00 11.55
N ASN B 209 -15.12 -12.81 11.76
CA ASN B 209 -14.95 -14.09 12.30
C ASN B 209 -14.44 -15.06 11.26
N THR B 210 -13.95 -14.54 10.10
CA THR B 210 -13.16 -15.37 9.20
C THR B 210 -11.70 -15.00 9.09
N GLY B 211 -11.25 -14.14 9.98
CA GLY B 211 -9.88 -13.81 10.07
C GLY B 211 -9.40 -12.78 9.06
N LYS B 212 -10.24 -11.81 8.78
CA LYS B 212 -9.96 -10.89 7.69
C LYS B 212 -10.31 -9.48 8.18
N LEU B 213 -9.58 -8.49 7.68
CA LEU B 213 -9.80 -7.10 8.03
C LEU B 213 -10.02 -6.27 6.80
N PHE B 214 -10.99 -5.38 6.87
CA PHE B 214 -11.42 -4.58 5.76
C PHE B 214 -11.61 -3.15 6.24
N LEU B 215 -11.31 -2.20 5.36
CA LEU B 215 -11.51 -0.81 5.62
C LEU B 215 -12.58 -0.34 4.63
N SER B 216 -13.58 0.36 5.12
CA SER B 216 -14.66 0.86 4.29
C SER B 216 -14.88 2.30 4.66
N GLN B 217 -15.61 2.98 3.78
CA GLN B 217 -16.00 4.37 4.03
C GLN B 217 -17.53 4.52 3.70
N PRO B 218 -18.24 5.40 4.41
CA PRO B 218 -19.67 5.50 4.27
C PRO B 218 -20.10 6.02 2.89
N THR B 219 -21.10 5.36 2.28
CA THR B 219 -21.69 5.81 1.02
C THR B 219 -23.19 5.90 1.26
N LEU B 220 -23.64 7.14 1.50
CA LEU B 220 -24.99 7.45 1.83
C LEU B 220 -25.79 7.47 0.52
N LEU B 221 -26.75 6.58 0.35
CA LEU B 221 -27.44 6.44 -0.92
C LEU B 221 -28.74 7.21 -1.00
N TRP B 222 -29.35 7.41 0.18
CA TRP B 222 -30.73 7.83 0.28
C TRP B 222 -30.99 8.33 1.71
N THR B 223 -31.80 9.36 1.85
CA THR B 223 -32.40 9.68 3.14
C THR B 223 -33.86 10.01 2.95
N LEU B 224 -34.62 9.81 4.02
CA LEU B 224 -36.02 10.21 4.03
C LEU B 224 -36.28 11.66 3.59
N LYS B 225 -35.42 12.59 3.99
CA LYS B 225 -35.71 14.00 3.73
C LYS B 225 -35.17 14.43 2.38
N ARG B 226 -34.20 13.72 1.85
CA ARG B 226 -33.48 14.19 0.67
C ARG B 226 -33.72 13.32 -0.54
N GLY B 227 -34.27 12.12 -0.35
CA GLY B 227 -34.44 11.18 -1.42
C GLY B 227 -33.09 10.59 -1.84
N SER B 228 -33.07 9.94 -2.99
CA SER B 228 -31.86 9.36 -3.54
C SER B 228 -30.80 10.39 -3.86
N LEU B 229 -29.54 10.04 -3.63
CA LEU B 229 -28.45 11.00 -3.82
C LEU B 229 -27.48 10.62 -4.94
N SER B 230 -27.25 11.54 -5.88
CA SER B 230 -26.42 11.30 -7.06
C SER B 230 -24.95 11.28 -6.72
N LYS B 231 -24.61 11.96 -5.63
CA LYS B 231 -23.25 12.03 -5.14
C LYS B 231 -23.32 11.85 -3.62
N PRO B 232 -22.55 10.90 -3.09
CA PRO B 232 -22.59 10.74 -1.63
C PRO B 232 -22.01 11.96 -0.89
N PRO B 233 -22.79 12.58 0.02
CA PRO B 233 -22.17 13.67 0.80
C PRO B 233 -21.14 13.20 1.81
N LYS B 234 -20.36 14.17 2.28
CA LYS B 234 -19.47 13.99 3.41
C LYS B 234 -20.35 13.83 4.62
N VAL B 235 -20.06 12.82 5.42
CA VAL B 235 -20.71 12.62 6.68
C VAL B 235 -19.60 12.52 7.71
N ILE B 236 -19.98 12.51 8.98
CA ILE B 236 -19.04 12.52 10.09
C ILE B 236 -19.49 11.46 11.10
N PRO B 237 -18.57 10.93 11.90
CA PRO B 237 -18.94 9.87 12.82
C PRO B 237 -20.04 10.34 13.73
N GLY B 238 -21.01 9.48 14.02
CA GLY B 238 -22.04 9.78 14.99
C GLY B 238 -21.83 9.05 16.31
N GLN B 239 -22.68 9.34 17.28
CA GLN B 239 -22.67 8.70 18.58
C GLN B 239 -23.25 7.33 18.53
N HIS B 240 -22.38 6.33 18.57
CA HIS B 240 -22.85 4.96 18.69
C HIS B 240 -23.14 4.62 20.14
N GLY B 241 -24.03 3.65 20.37
CA GLY B 241 -24.33 3.12 21.72
C GLY B 241 -23.96 1.64 21.81
N PRO B 242 -24.17 1.02 22.99
CA PRO B 242 -23.79 -0.40 23.14
C PRO B 242 -24.64 -1.40 22.35
N LEU B 243 -25.84 -0.99 21.92
CA LEU B 243 -26.67 -1.86 21.09
C LEU B 243 -26.47 -1.68 19.55
N ASP B 244 -25.70 -0.67 19.15
CA ASP B 244 -25.41 -0.47 17.73
C ASP B 244 -24.32 -1.45 17.31
N THR B 245 -24.54 -2.18 16.21
CA THR B 245 -23.56 -3.00 15.60
C THR B 245 -23.19 -2.49 14.21
N THR B 246 -23.83 -1.44 13.70
CA THR B 246 -23.43 -0.87 12.44
C THR B 246 -22.53 0.32 12.65
N PRO B 247 -21.86 0.74 11.59
CA PRO B 247 -21.28 2.05 11.64
C PRO B 247 -22.42 3.04 11.95
N ILE B 248 -22.14 4.10 12.70
CA ILE B 248 -23.11 5.20 12.94
C ILE B 248 -22.63 6.59 12.46
N TRP B 249 -23.41 7.31 11.64
CA TRP B 249 -22.98 8.61 11.05
C TRP B 249 -23.97 9.75 11.31
N SER B 250 -23.50 10.98 11.10
CA SER B 250 -24.37 12.12 10.90
C SER B 250 -24.00 12.95 9.66
N TRP B 251 -25.00 13.59 9.09
CA TRP B 251 -24.84 14.26 7.83
C TRP B 251 -25.47 15.66 7.88
N PRO B 252 -24.84 16.60 7.14
CA PRO B 252 -25.30 17.95 7.11
C PRO B 252 -26.76 18.07 6.73
N HIS B 253 -27.35 19.14 7.25
CA HIS B 253 -28.78 19.32 7.23
C HIS B 253 -29.14 19.97 5.90
N ASP B 254 -29.11 19.17 4.83
CA ASP B 254 -29.35 19.63 3.45
C ASP B 254 -28.34 20.70 3.03
C1 EDO C . 25.58 -3.48 -4.21
O1 EDO C . 24.70 -2.89 -3.21
C2 EDO C . 25.45 -2.79 -5.53
O2 EDO C . 24.12 -2.85 -6.13
C1 EDO D . 30.74 -4.77 -9.53
O1 EDO D . 31.21 -5.51 -10.67
C2 EDO D . 29.82 -3.62 -10.00
O2 EDO D . 28.74 -4.11 -10.83
C1 EDO E . 22.71 1.13 -5.57
O1 EDO E . 22.51 1.16 -4.17
C2 EDO E . 22.29 -0.20 -6.12
O2 EDO E . 22.37 -1.24 -5.13
C1 EDO F . 24.03 -5.91 -24.87
O1 EDO F . 25.09 -5.44 -25.71
C2 EDO F . 22.70 -5.56 -25.50
O2 EDO F . 21.67 -6.22 -24.76
C1 EDO G . 23.00 -2.74 -22.98
O1 EDO G . 22.80 -2.84 -21.57
C2 EDO G . 23.03 -1.27 -23.38
O2 EDO G . 24.35 -0.68 -23.45
C1 EDO H . 20.08 -15.44 -5.80
O1 EDO H . 20.19 -14.17 -5.18
C2 EDO H . 20.63 -16.39 -4.78
O2 EDO H . 19.62 -17.35 -4.51
C1 EDO I . 33.52 -3.83 -3.63
O1 EDO I . 32.47 -4.45 -2.85
C2 EDO I . 33.05 -3.36 -5.01
O2 EDO I . 32.14 -4.30 -5.59
C1 EDO J . 28.85 0.06 0.58
O1 EDO J . 28.19 1.34 0.52
C2 EDO J . 30.18 0.21 1.33
O2 EDO J . 31.06 -0.91 1.06
C1 EDO K . 11.78 19.85 -17.25
O1 EDO K . 10.78 20.26 -18.19
C2 EDO K . 12.76 20.99 -17.14
O2 EDO K . 13.37 20.97 -15.84
C1 EDO L . 9.82 11.04 -17.95
O1 EDO L . 10.99 11.76 -17.54
C2 EDO L . 9.50 10.06 -16.84
O2 EDO L . 8.77 9.00 -17.45
C1 EDO M . 49.52 16.11 -17.57
O1 EDO M . 49.02 14.79 -17.39
C2 EDO M . 48.49 16.90 -18.32
O2 EDO M . 47.48 17.23 -17.36
C1 EDO N . 4.90 4.59 -0.37
O1 EDO N . 6.08 3.81 -0.13
C2 EDO N . 4.06 3.76 -1.31
O2 EDO N . 4.05 4.48 -2.53
C1 EDO O . 11.67 5.15 2.50
O1 EDO O . 10.67 5.61 1.58
C2 EDO O . 11.85 3.66 2.27
O2 EDO O . 11.06 2.96 3.22
C1 EDO P . 32.46 10.51 -25.09
O1 EDO P . 32.55 9.05 -25.03
C2 EDO P . 33.57 11.11 -25.90
O2 EDO P . 33.75 10.22 -27.01
C1 EDO Q . 47.51 7.54 0.10
O1 EDO Q . 47.87 7.28 1.47
C2 EDO Q . 46.33 8.53 0.02
O2 EDO Q . 45.61 8.47 1.25
C1 EDO R . 37.77 6.99 -0.98
O1 EDO R . 38.34 8.32 -0.85
C2 EDO R . 38.81 5.92 -1.29
O2 EDO R . 38.27 4.57 -1.25
C1 EDO S . 44.66 15.72 -13.97
O1 EDO S . 45.77 15.95 -14.78
C2 EDO S . 43.63 16.64 -14.57
O2 EDO S . 42.52 15.76 -14.61
C1 EDO T . 47.50 15.70 -10.44
O1 EDO T . 47.88 15.20 -9.17
C2 EDO T . 46.91 17.07 -10.25
O2 EDO T . 46.05 17.25 -11.38
C1 EDO U . 37.86 18.60 -8.60
O1 EDO U . 38.07 18.52 -10.02
C2 EDO U . 39.29 18.74 -8.16
O2 EDO U . 39.92 18.93 -9.43
C1 EDO V . 15.36 -7.48 9.52
O1 EDO V . 15.31 -6.08 9.33
C2 EDO V . 15.99 -7.79 10.86
O2 EDO V . 17.40 -7.99 10.64
C1 EDO W . 51.74 13.64 -6.46
O1 EDO W . 50.56 13.02 -5.98
C2 EDO W . 51.62 13.82 -7.96
O2 EDO W . 51.81 12.52 -8.57
C1 EDO X . 43.58 -1.17 -23.54
O1 EDO X . 43.83 -1.42 -22.17
C2 EDO X . 44.16 -2.35 -24.28
O2 EDO X . 45.48 -2.02 -24.62
C1 EDO Y . 38.49 -6.57 -15.16
O1 EDO Y . 39.64 -7.36 -15.45
C2 EDO Y . 38.66 -6.15 -13.73
O2 EDO Y . 39.41 -4.97 -13.79
C1 EDO Z . 43.69 -7.02 -12.64
O1 EDO Z . 44.74 -6.10 -12.87
C2 EDO Z . 42.60 -6.66 -13.64
O2 EDO Z . 43.20 -6.78 -14.93
C1 EDO AA . 43.94 -4.07 -6.90
O1 EDO AA . 43.84 -3.16 -5.81
C2 EDO AA . 45.17 -3.71 -7.67
O2 EDO AA . 44.84 -3.82 -9.05
C1 EDO BA . 50.59 -2.72 -13.82
O1 EDO BA . 49.26 -2.82 -13.24
C2 EDO BA . 50.44 -2.59 -15.33
O2 EDO BA . 49.09 -2.97 -15.59
C1 EDO CA . 11.41 2.91 12.97
O1 EDO CA . 11.40 1.96 11.88
C2 EDO CA . 11.32 4.33 12.45
O2 EDO CA . 12.08 5.12 13.36
C1 EDO DA . 4.49 -19.25 5.82
O1 EDO DA . 5.21 -18.14 6.41
C2 EDO DA . 4.10 -18.96 4.37
O2 EDO DA . 2.74 -18.49 4.11
CL CL EA . 28.89 -5.45 -4.80
CL CL FA . 39.90 13.42 -23.61
C1 EDO GA . -26.98 8.62 13.72
O1 EDO GA . -26.17 9.68 14.20
C2 EDO GA . -27.47 7.74 14.86
O2 EDO GA . -28.02 6.53 14.37
C1 EDO HA . 2.76 -15.92 20.97
O1 EDO HA . 1.56 -15.86 21.73
C2 EDO HA . 3.33 -17.32 21.01
O2 EDO HA . 4.75 -17.27 20.77
C1 EDO IA . 4.09 -12.88 15.54
O1 EDO IA . 4.33 -11.72 16.36
C2 EDO IA . 4.92 -12.68 14.29
O2 EDO IA . 4.32 -11.70 13.42
C1 EDO JA . -27.80 -2.27 14.57
O1 EDO JA . -26.70 -1.46 14.96
C2 EDO JA . -28.50 -2.84 15.80
O2 EDO JA . -29.15 -4.06 15.45
C1 EDO KA . -24.17 -6.78 10.61
O1 EDO KA . -24.15 -5.55 11.34
C2 EDO KA . -24.98 -7.82 11.37
O2 EDO KA . -26.30 -7.91 10.80
C1 EDO LA . -45.09 0.44 -5.84
O1 EDO LA . -43.88 1.22 -5.79
C2 EDO LA . -45.36 -0.06 -4.42
O2 EDO LA . -44.24 0.29 -3.60
C1 EDO MA . 2.93 8.24 1.41
O1 EDO MA . 3.66 7.01 1.60
C2 EDO MA . 2.03 8.08 0.19
O2 EDO MA . 0.71 8.64 0.38
C1 EDO NA . 5.05 3.82 4.51
O1 EDO NA . 5.15 4.59 5.73
C2 EDO NA . 4.37 4.76 3.53
O2 EDO NA . 4.28 6.01 4.20
C1 EDO OA . -30.00 -7.90 13.53
O1 EDO OA . -29.31 -6.88 14.29
C2 EDO OA . -29.08 -8.43 12.45
O2 EDO OA . -29.86 -8.78 11.30
C1 EDO PA . 1.51 9.48 4.94
O1 EDO PA . 0.17 9.59 4.47
C2 EDO PA . 1.33 8.99 6.35
O2 EDO PA . -0.05 9.22 6.58
C1 EDO QA . -41.87 11.52 1.75
O1 EDO QA . -42.36 10.21 1.68
C2 EDO QA . -40.43 11.65 1.25
O2 EDO QA . -39.72 10.41 1.27
C1 EDO RA . -22.36 -10.44 1.47
O1 EDO RA . -21.56 -9.34 1.02
C2 EDO RA . -21.73 -11.02 2.73
O2 EDO RA . -21.29 -9.95 3.57
C1 EDO SA . -15.78 -7.55 2.21
O1 EDO SA . -15.47 -7.58 0.81
C2 EDO SA . -16.27 -6.15 2.56
O2 EDO SA . -17.61 -6.28 3.06
C1 EDO TA . -12.28 -7.85 -1.99
O1 EDO TA . -13.34 -7.54 -1.08
C2 EDO TA . -12.78 -8.48 -3.27
O2 EDO TA . -12.75 -7.47 -4.30
CL CL UA . -34.20 -9.21 12.78
#